data_9MQR
#
_entry.id   9MQR
#
_cell.length_a   1.00
_cell.length_b   1.00
_cell.length_c   1.00
_cell.angle_alpha   90.00
_cell.angle_beta   90.00
_cell.angle_gamma   90.00
#
_symmetry.space_group_name_H-M   'P 1'
#
loop_
_entity.id
_entity.type
_entity.pdbx_description
1 polymer 'Adhesion G protein-coupled receptor E5'
2 polymer 'Heavy chain of A8 Fab'
3 polymer 'Light chain of A8 Fab'
#
loop_
_entity_poly.entity_id
_entity_poly.type
_entity_poly.pdbx_seq_one_letter_code
_entity_poly.pdbx_strand_id
1 'polypeptide(L)'
;QDSRGCARWCPQNSSCVNATACRCNPGFSSFSEIITTPTETCDDINECATPSKVSCGKFSDCWNTEGSYDCVCSPGYEPV
SGAKTFKNESENTCQDVDECQQNPRLCKSYGTCVNTLGSYTCQCLPGFKFIPEDPKVCTDVNECTSGQNPCHSSTHCLNN
VGSYQCRCRPGWQPIPGSPNGPNNTVCEDVDECSSGQHQCDSSTVCFNTVGSYSCRCRPGWKPRHGIPNNQKDTVCEDMT
FSTWTPPPGVHSQTLSRFFDKVQDLGRDSKTSSAEVTIQNVIKLVDELMEAPGDVEALAPPVRHLIATQLLSNLEDIMRI
LAKSLPKGPFTYISPSNTELTLMIQERGDKNVTMGQSSARMKLNWAVAAGAEDPGPAVAGILSIQNMTTLLANASLNLHS
KKQAELEEIYESSIRGVQLRRLSAVNSIFLSHNNTKELNSPILFAFSHLESSDGEAGRDPPAKDVMPGPRQELLCAFWKS
DSDRGGHWATEGCQVLGSKNGSTTCQCSHLASFAILMAHYDVEDWKLTLITRSSSSHHHHHH
;
A
2 'polypeptide(L)'
;EISEVQLVESGGGLVQPGGSLRLSCAASGFTISSYSIHWVRQAPGKGLEWVASISPYYGSTSYADSVKGRFTISADTSKN
TAYLQMNSLRAEDTAVYYCARSWYYYEQNPYWYQKEEQALDYWGQGTLVTVFNQIKGPSVFPLAPSSKSTSGGTAALGCL
VKDYFPEPVTVSWNSGALTSGVHTFPAVLQSSGLYSLSSVVTVPSSSLGTQTYICNVNHKPSNTKVDKKVEPKSCDKTHT
;
D
3 'polypeptide(L)'
;DIQMTQSPSSLSASVGDRVTITCRASQSVSSAVAWYQQKPGKAPKLLIYSASSLYSGVPSRFSGSRSGTDFTLTISSLQP
EDFATYYCQQSVYSPVTFGQGTKVEIKRTVAAPSVFIFPPSDSQLKSGTASVVCLLNNFYPREAKVQWKVDNALQSGNSQ
ESVTEQDSKDSTYSLSSTLTLSKADYEKHKVYACEVTHQGLSSPVTKSFNRGEC
;
E
#
# COMPACT_ATOMS: atom_id res chain seq x y z
N CYS A 236 17.61 -8.78 -23.08
CA CYS A 236 18.79 -7.94 -23.17
C CYS A 236 19.51 -8.16 -24.49
N GLU A 237 19.37 -9.36 -25.05
CA GLU A 237 20.01 -9.72 -26.30
C GLU A 237 19.11 -9.47 -27.51
N ASP A 238 18.25 -8.45 -27.44
CA ASP A 238 17.32 -8.06 -28.50
C ASP A 238 16.44 -9.23 -28.98
N MET A 239 16.34 -10.29 -28.19
CA MET A 239 15.39 -11.38 -28.42
C MET A 239 14.35 -11.45 -27.31
N THR A 240 14.03 -10.30 -26.71
CA THR A 240 13.13 -10.30 -25.55
C THR A 240 11.70 -10.65 -25.96
N PHE A 241 11.26 -10.23 -27.14
CA PHE A 241 9.87 -10.41 -27.56
C PHE A 241 9.69 -11.57 -28.52
N SER A 242 10.73 -12.36 -28.77
CA SER A 242 10.61 -13.46 -29.72
C SER A 242 9.82 -14.64 -29.19
N THR A 243 9.60 -14.72 -27.88
CA THR A 243 8.86 -15.82 -27.30
C THR A 243 7.36 -15.70 -27.53
N TRP A 244 6.84 -14.48 -27.67
CA TRP A 244 5.40 -14.25 -27.82
C TRP A 244 4.98 -14.68 -29.22
N THR A 245 4.74 -15.99 -29.37
CA THR A 245 4.25 -16.58 -30.60
C THR A 245 3.04 -17.43 -30.29
N PRO A 246 2.09 -17.53 -31.23
CA PRO A 246 0.94 -18.40 -31.01
C PRO A 246 1.33 -19.86 -31.13
N PRO A 247 0.85 -20.71 -30.23
CA PRO A 247 1.30 -22.10 -30.24
C PRO A 247 0.88 -22.80 -31.52
N PRO A 248 1.67 -23.75 -31.99
CA PRO A 248 1.27 -24.51 -33.18
C PRO A 248 -0.08 -25.19 -32.98
N GLY A 249 -0.91 -25.12 -34.01
CA GLY A 249 -2.22 -25.73 -33.95
C GLY A 249 -3.35 -24.73 -33.88
N VAL A 250 -3.16 -23.67 -33.09
CA VAL A 250 -4.20 -22.67 -32.92
C VAL A 250 -4.27 -21.80 -34.17
N HIS A 251 -5.46 -21.26 -34.44
CA HIS A 251 -5.67 -20.40 -35.61
C HIS A 251 -6.78 -19.41 -35.26
N SER A 252 -6.39 -18.21 -34.84
CA SER A 252 -7.35 -17.15 -34.54
C SER A 252 -6.83 -15.84 -35.08
N GLN A 253 -7.75 -14.96 -35.47
CA GLN A 253 -7.40 -13.68 -36.06
C GLN A 253 -7.30 -12.55 -35.04
N THR A 254 -7.47 -12.84 -33.76
CA THR A 254 -7.24 -11.86 -32.70
C THR A 254 -5.93 -12.09 -31.98
N LEU A 255 -5.60 -13.34 -31.66
CA LEU A 255 -4.30 -13.65 -31.08
C LEU A 255 -3.18 -13.28 -32.04
N SER A 256 -3.36 -13.55 -33.33
CA SER A 256 -2.34 -13.20 -34.31
C SER A 256 -2.10 -11.69 -34.35
N ARG A 257 -3.18 -10.89 -34.35
CA ARG A 257 -3.02 -9.45 -34.35
C ARG A 257 -2.39 -8.95 -33.06
N PHE A 258 -2.73 -9.56 -31.93
CA PHE A 258 -2.11 -9.21 -30.66
C PHE A 258 -0.62 -9.48 -30.69
N PHE A 259 -0.21 -10.60 -31.28
CA PHE A 259 1.22 -10.91 -31.34
C PHE A 259 1.96 -10.03 -32.33
N ASP A 260 1.33 -9.66 -33.44
CA ASP A 260 1.95 -8.64 -34.30
C ASP A 260 2.10 -7.31 -33.57
N LYS A 261 1.11 -6.96 -32.74
CA LYS A 261 1.22 -5.74 -31.94
C LYS A 261 2.39 -5.82 -30.97
N VAL A 262 2.58 -6.95 -30.31
CA VAL A 262 3.73 -7.05 -29.40
C VAL A 262 5.03 -7.07 -30.17
N GLN A 263 5.04 -7.61 -31.40
CA GLN A 263 6.24 -7.55 -32.22
C GLN A 263 6.61 -6.12 -32.55
N ASP A 264 5.62 -5.32 -32.98
CA ASP A 264 5.87 -3.90 -33.20
C ASP A 264 6.26 -3.18 -31.92
N LEU A 265 5.76 -3.64 -30.78
CA LEU A 265 6.17 -3.09 -29.50
C LEU A 265 7.65 -3.34 -29.24
N GLY A 266 8.11 -4.55 -29.56
CA GLY A 266 9.54 -4.82 -29.46
C GLY A 266 10.35 -3.99 -30.43
N ARG A 267 9.80 -3.72 -31.61
CA ARG A 267 10.46 -2.83 -32.56
C ARG A 267 10.59 -1.43 -31.96
N ASP A 268 9.54 -0.93 -31.34
CA ASP A 268 9.56 0.36 -30.64
C ASP A 268 9.84 0.17 -29.15
N SER A 269 10.92 -0.56 -28.84
CA SER A 269 11.30 -0.84 -27.46
C SER A 269 12.72 -0.39 -27.20
N LYS A 270 13.53 -0.34 -28.26
CA LYS A 270 14.89 0.15 -28.16
C LYS A 270 14.98 1.67 -28.30
N THR A 271 13.84 2.34 -28.42
CA THR A 271 13.83 3.78 -28.66
C THR A 271 13.13 4.59 -27.58
N SER A 272 11.98 4.12 -27.07
CA SER A 272 11.19 5.00 -26.20
C SER A 272 11.71 5.01 -24.77
N SER A 273 11.51 3.91 -24.04
CA SER A 273 11.97 3.78 -22.66
C SER A 273 11.55 2.42 -22.13
N ALA A 274 12.31 1.94 -21.13
CA ALA A 274 11.91 0.74 -20.42
C ALA A 274 10.69 0.97 -19.55
N GLU A 275 10.43 2.21 -19.14
CA GLU A 275 9.24 2.54 -18.37
C GLU A 275 8.02 2.76 -19.24
N VAL A 276 8.20 2.88 -20.56
CA VAL A 276 7.09 3.04 -21.49
C VAL A 276 6.75 1.73 -22.19
N THR A 277 7.75 0.92 -22.52
CA THR A 277 7.46 -0.38 -23.12
C THR A 277 6.70 -1.28 -22.15
N ILE A 278 6.96 -1.15 -20.85
CA ILE A 278 6.26 -1.97 -19.86
C ILE A 278 4.79 -1.55 -19.78
N GLN A 279 4.53 -0.24 -19.78
CA GLN A 279 3.15 0.23 -19.78
C GLN A 279 2.44 -0.16 -21.06
N ASN A 280 3.13 -0.11 -22.19
CA ASN A 280 2.52 -0.51 -23.46
C ASN A 280 2.21 -2.00 -23.49
N VAL A 281 3.09 -2.82 -22.90
CA VAL A 281 2.81 -4.25 -22.79
C VAL A 281 1.56 -4.48 -21.96
N ILE A 282 1.45 -3.77 -20.83
CA ILE A 282 0.27 -3.93 -19.97
C ILE A 282 -0.99 -3.49 -20.70
N LYS A 283 -0.93 -2.37 -21.42
CA LYS A 283 -2.10 -1.89 -22.15
C LYS A 283 -2.48 -2.84 -23.28
N LEU A 284 -1.50 -3.44 -23.94
CA LEU A 284 -1.78 -4.40 -25.00
C LEU A 284 -2.45 -5.65 -24.45
N VAL A 285 -1.97 -6.14 -23.30
CA VAL A 285 -2.62 -7.28 -22.66
C VAL A 285 -4.04 -6.93 -22.25
N ASP A 286 -4.24 -5.70 -21.76
CA ASP A 286 -5.58 -5.26 -21.41
C ASP A 286 -6.49 -5.21 -22.62
N GLU A 287 -5.96 -4.74 -23.76
CA GLU A 287 -6.76 -4.73 -24.99
C GLU A 287 -7.14 -6.13 -25.41
N LEU A 288 -6.19 -7.08 -25.32
CA LEU A 288 -6.49 -8.45 -25.69
C LEU A 288 -7.54 -9.06 -24.76
N MET A 289 -7.44 -8.78 -23.46
CA MET A 289 -8.35 -9.41 -22.50
C MET A 289 -9.73 -8.79 -22.57
N GLU A 290 -9.81 -7.47 -22.78
CA GLU A 290 -11.10 -6.79 -22.72
C GLU A 290 -11.97 -7.13 -23.92
N ALA A 291 -11.38 -7.20 -25.11
CA ALA A 291 -12.12 -7.40 -26.35
C ALA A 291 -11.52 -8.56 -27.14
N PRO A 292 -11.76 -9.79 -26.70
CA PRO A 292 -11.32 -10.94 -27.48
C PRO A 292 -12.26 -11.22 -28.64
N GLY A 293 -11.67 -11.64 -29.76
CA GLY A 293 -12.45 -11.98 -30.93
C GLY A 293 -12.82 -13.44 -30.96
N ASP A 294 -12.26 -14.19 -31.90
CA ASP A 294 -12.49 -15.62 -31.91
C ASP A 294 -11.74 -16.36 -30.83
N VAL A 295 -11.06 -15.67 -29.90
CA VAL A 295 -10.44 -16.36 -28.78
C VAL A 295 -11.50 -16.99 -27.88
N GLU A 296 -12.64 -16.32 -27.73
CA GLU A 296 -13.75 -16.90 -26.98
C GLU A 296 -14.34 -18.11 -27.69
N ALA A 297 -14.03 -18.32 -28.97
CA ALA A 297 -14.48 -19.48 -29.72
C ALA A 297 -13.45 -20.60 -29.73
N LEU A 298 -12.32 -20.43 -29.05
CA LEU A 298 -11.33 -21.48 -28.95
C LEU A 298 -11.76 -22.55 -27.95
N ALA A 299 -11.20 -23.75 -28.12
CA ALA A 299 -11.51 -24.83 -27.19
C ALA A 299 -10.93 -24.50 -25.81
N PRO A 300 -11.60 -24.94 -24.75
CA PRO A 300 -11.16 -24.60 -23.39
C PRO A 300 -9.73 -25.01 -23.11
N PRO A 301 -9.27 -26.20 -23.55
CA PRO A 301 -7.84 -26.51 -23.37
C PRO A 301 -6.94 -25.52 -24.07
N VAL A 302 -7.31 -25.08 -25.27
CA VAL A 302 -6.48 -24.13 -26.00
C VAL A 302 -6.46 -22.77 -25.30
N ARG A 303 -7.61 -22.33 -24.79
CA ARG A 303 -7.65 -21.07 -24.05
C ARG A 303 -6.80 -21.15 -22.79
N HIS A 304 -6.84 -22.28 -22.09
CA HIS A 304 -6.03 -22.43 -20.89
C HIS A 304 -4.54 -22.45 -21.23
N LEU A 305 -4.17 -23.09 -22.33
CA LEU A 305 -2.77 -23.06 -22.77
C LEU A 305 -2.34 -21.64 -23.11
N ILE A 306 -3.21 -20.89 -23.80
CA ILE A 306 -2.92 -19.50 -24.10
C ILE A 306 -2.70 -18.71 -22.81
N ALA A 307 -3.56 -18.92 -21.82
CA ALA A 307 -3.43 -18.20 -20.56
C ALA A 307 -2.12 -18.55 -19.85
N THR A 308 -1.75 -19.83 -19.85
CA THR A 308 -0.51 -20.24 -19.21
C THR A 308 0.69 -19.59 -19.88
N GLN A 309 0.74 -19.64 -21.22
CA GLN A 309 1.84 -19.02 -21.95
C GLN A 309 1.86 -17.52 -21.74
N LEU A 310 0.68 -16.89 -21.67
CA LEU A 310 0.62 -15.44 -21.47
C LEU A 310 1.17 -15.06 -20.11
N LEU A 311 0.79 -15.78 -19.06
CA LEU A 311 1.30 -15.46 -17.73
C LEU A 311 2.80 -15.68 -17.65
N SER A 312 3.30 -16.77 -18.24
CA SER A 312 4.74 -17.02 -18.23
C SER A 312 5.48 -15.91 -18.97
N ASN A 313 4.99 -15.53 -20.15
CA ASN A 313 5.66 -14.49 -20.93
C ASN A 313 5.61 -13.14 -20.22
N LEU A 314 4.50 -12.84 -19.55
CA LEU A 314 4.40 -11.59 -18.80
C LEU A 314 5.42 -11.55 -17.67
N GLU A 315 5.57 -12.66 -16.94
CA GLU A 315 6.58 -12.70 -15.88
C GLU A 315 7.97 -12.49 -16.46
N ASP A 316 8.28 -13.17 -17.57
CA ASP A 316 9.62 -13.06 -18.16
C ASP A 316 9.90 -11.63 -18.61
N ILE A 317 8.93 -11.02 -19.28
CA ILE A 317 9.12 -9.66 -19.79
C ILE A 317 9.27 -8.69 -18.63
N MET A 318 8.47 -8.84 -17.58
CA MET A 318 8.57 -7.94 -16.45
C MET A 318 9.93 -8.05 -15.77
N ARG A 319 10.45 -9.28 -15.62
CA ARG A 319 11.78 -9.44 -15.06
C ARG A 319 12.82 -8.74 -15.93
N ILE A 320 12.77 -8.97 -17.24
CA ILE A 320 13.78 -8.41 -18.14
C ILE A 320 13.73 -6.90 -18.12
N LEU A 321 12.53 -6.31 -18.14
CA LEU A 321 12.41 -4.86 -18.17
C LEU A 321 12.80 -4.24 -16.83
N ALA A 322 12.40 -4.87 -15.72
CA ALA A 322 12.77 -4.36 -14.40
C ALA A 322 14.25 -4.46 -14.14
N LYS A 323 14.96 -5.37 -14.83
CA LYS A 323 16.40 -5.43 -14.67
C LYS A 323 17.09 -4.14 -15.10
N SER A 324 16.42 -3.29 -15.89
CA SER A 324 17.00 -2.04 -16.34
C SER A 324 16.18 -0.84 -15.86
N LEU A 325 15.80 -0.84 -14.60
CA LEU A 325 15.07 0.25 -13.97
C LEU A 325 15.88 0.83 -12.82
N PRO A 326 15.65 2.09 -12.46
CA PRO A 326 16.33 2.66 -11.29
C PRO A 326 15.90 1.93 -10.01
N LYS A 327 16.84 1.84 -9.09
CA LYS A 327 16.59 1.11 -7.84
C LYS A 327 15.48 1.78 -7.04
N GLY A 328 14.62 0.96 -6.45
CA GLY A 328 13.49 1.45 -5.70
C GLY A 328 12.18 0.96 -6.26
N PRO A 329 11.08 1.25 -5.56
CA PRO A 329 9.77 0.79 -6.02
C PRO A 329 9.35 1.43 -7.34
N PHE A 330 8.61 0.66 -8.14
CA PHE A 330 8.00 1.12 -9.38
C PHE A 330 6.56 0.64 -9.39
N THR A 331 5.62 1.57 -9.44
CA THR A 331 4.20 1.26 -9.40
C THR A 331 3.50 1.83 -10.62
N TYR A 332 2.59 1.05 -11.19
CA TYR A 332 1.83 1.48 -12.34
C TYR A 332 0.45 0.84 -12.29
N ILE A 333 -0.58 1.62 -12.64
CA ILE A 333 -1.96 1.15 -12.67
C ILE A 333 -2.54 1.48 -14.03
N SER A 334 -2.88 0.44 -14.80
CA SER A 334 -3.43 0.61 -16.13
C SER A 334 -4.85 1.17 -16.05
N PRO A 335 -5.33 1.78 -17.13
CA PRO A 335 -6.74 2.23 -17.14
C PRO A 335 -7.74 1.13 -16.89
N SER A 336 -7.41 -0.12 -17.23
CA SER A 336 -8.24 -1.27 -16.90
C SER A 336 -7.92 -1.82 -15.51
N ASN A 337 -7.29 -1.03 -14.65
CA ASN A 337 -7.00 -1.37 -13.27
C ASN A 337 -6.04 -2.54 -13.14
N THR A 338 -5.18 -2.77 -14.13
CA THR A 338 -4.12 -3.76 -14.03
C THR A 338 -2.96 -3.16 -13.26
N GLU A 339 -2.77 -3.60 -12.02
CA GLU A 339 -1.80 -2.99 -11.11
C GLU A 339 -0.50 -3.78 -11.14
N LEU A 340 0.60 -3.07 -11.33
CA LEU A 340 1.93 -3.66 -11.31
C LEU A 340 2.81 -2.89 -10.33
N THR A 341 3.49 -3.62 -9.44
CA THR A 341 4.46 -3.02 -8.54
C THR A 341 5.74 -3.82 -8.58
N LEU A 342 6.87 -3.12 -8.51
CA LEU A 342 8.19 -3.73 -8.55
C LEU A 342 9.02 -3.18 -7.39
N MET A 343 10.08 -3.91 -7.06
CA MET A 343 11.02 -3.47 -6.02
C MET A 343 12.41 -3.91 -6.46
N ILE A 344 13.17 -2.99 -7.04
CA ILE A 344 14.54 -3.24 -7.46
C ILE A 344 15.46 -2.65 -6.41
N GLN A 345 16.22 -3.51 -5.74
CA GLN A 345 17.14 -3.06 -4.70
C GLN A 345 18.24 -4.10 -4.53
N GLU A 346 19.29 -3.69 -3.83
CA GLU A 346 20.47 -4.54 -3.66
C GLU A 346 20.11 -5.81 -2.89
N ARG A 347 21.05 -6.75 -2.88
CA ARG A 347 20.88 -7.98 -2.13
C ARG A 347 21.01 -7.73 -0.64
N GLY A 348 20.20 -8.43 0.14
CA GLY A 348 20.23 -8.28 1.58
C GLY A 348 19.19 -9.17 2.22
N ASP A 349 19.14 -9.13 3.54
CA ASP A 349 18.22 -9.94 4.32
C ASP A 349 17.30 -9.07 5.16
N LYS A 350 16.78 -8.00 4.56
CA LYS A 350 15.90 -7.07 5.24
C LYS A 350 14.46 -7.39 4.90
N ASN A 351 13.61 -7.48 5.92
CA ASN A 351 12.19 -7.73 5.71
C ASN A 351 11.60 -6.63 4.83
N VAL A 352 10.83 -7.03 3.82
CA VAL A 352 10.32 -6.10 2.82
C VAL A 352 8.81 -6.26 2.72
N THR A 353 8.09 -5.15 2.80
CA THR A 353 6.65 -5.09 2.60
C THR A 353 6.37 -4.24 1.36
N MET A 354 5.61 -4.79 0.42
CA MET A 354 5.31 -4.09 -0.82
C MET A 354 3.97 -4.58 -1.36
N GLY A 355 3.38 -3.78 -2.22
CA GLY A 355 2.14 -4.17 -2.87
C GLY A 355 1.29 -2.96 -3.18
N GLN A 356 0.06 -3.24 -3.60
CA GLN A 356 -0.89 -2.23 -4.02
C GLN A 356 -2.27 -2.65 -3.50
N SER A 357 -3.32 -2.06 -4.06
CA SER A 357 -4.67 -2.33 -3.55
C SER A 357 -5.06 -3.79 -3.74
N SER A 358 -4.77 -4.37 -4.90
CA SER A 358 -5.25 -5.71 -5.21
C SER A 358 -4.39 -6.82 -4.61
N ALA A 359 -3.15 -6.52 -4.24
CA ALA A 359 -2.27 -7.54 -3.68
C ALA A 359 -1.13 -6.88 -2.92
N ARG A 360 -0.76 -7.46 -1.79
CA ARG A 360 0.35 -6.99 -0.99
C ARG A 360 1.19 -8.19 -0.56
N MET A 361 2.46 -7.93 -0.27
CA MET A 361 3.41 -8.99 -0.02
C MET A 361 4.28 -8.64 1.17
N LYS A 362 4.61 -9.65 1.98
CA LYS A 362 5.46 -9.50 3.16
C LYS A 362 6.53 -10.59 3.09
N LEU A 363 7.66 -10.28 2.45
CA LEU A 363 8.70 -11.26 2.21
C LEU A 363 10.00 -10.81 2.86
N ASN A 364 10.85 -11.79 3.18
CA ASN A 364 12.22 -11.50 3.52
C ASN A 364 13.06 -11.43 2.25
N TRP A 365 13.92 -10.42 2.17
CA TRP A 365 14.67 -10.18 0.94
C TRP A 365 15.75 -11.22 0.68
N ALA A 366 15.99 -12.14 1.62
CA ALA A 366 16.97 -13.19 1.39
C ALA A 366 16.51 -14.22 0.38
N VAL A 367 15.24 -14.19 -0.04
CA VAL A 367 14.72 -15.15 -0.99
C VAL A 367 14.64 -14.61 -2.42
N ALA A 368 14.63 -13.28 -2.59
CA ALA A 368 14.62 -12.69 -3.92
C ALA A 368 15.99 -12.60 -4.55
N ALA A 369 17.05 -12.54 -3.73
CA ALA A 369 18.40 -12.46 -4.28
C ALA A 369 18.74 -13.70 -5.09
N GLY A 370 18.41 -14.88 -4.57
CA GLY A 370 18.69 -16.13 -5.25
C GLY A 370 20.17 -16.38 -5.50
N GLY A 375 23.74 -8.68 -9.46
CA GLY A 375 22.86 -7.55 -9.72
C GLY A 375 21.78 -7.38 -8.67
N PRO A 376 21.07 -6.26 -8.73
CA PRO A 376 20.00 -6.02 -7.74
C PRO A 376 18.85 -6.99 -7.94
N ALA A 377 18.22 -7.37 -6.83
CA ALA A 377 17.09 -8.28 -6.88
C ALA A 377 15.84 -7.56 -7.35
N VAL A 378 14.88 -8.35 -7.83
CA VAL A 378 13.60 -7.85 -8.32
C VAL A 378 12.50 -8.62 -7.63
N ALA A 379 11.41 -7.92 -7.28
CA ALA A 379 10.21 -8.56 -6.76
C ALA A 379 9.01 -7.83 -7.33
N GLY A 380 8.16 -8.55 -8.05
CA GLY A 380 7.05 -7.93 -8.76
C GLY A 380 5.73 -8.60 -8.45
N ILE A 381 4.66 -7.80 -8.56
CA ILE A 381 3.29 -8.28 -8.45
C ILE A 381 2.51 -7.73 -9.63
N LEU A 382 1.93 -8.61 -10.43
CA LEU A 382 1.11 -8.21 -11.57
C LEU A 382 -0.29 -8.77 -11.37
N SER A 383 -1.26 -7.89 -11.14
CA SER A 383 -2.64 -8.26 -10.85
C SER A 383 -3.52 -7.89 -12.04
N ILE A 384 -3.99 -8.89 -12.77
CA ILE A 384 -4.93 -8.69 -13.86
C ILE A 384 -6.32 -8.98 -13.32
N GLN A 385 -7.20 -7.97 -13.37
CA GLN A 385 -8.51 -8.11 -12.76
C GLN A 385 -9.40 -9.05 -13.57
N ASN A 386 -9.68 -8.70 -14.82
CA ASN A 386 -10.57 -9.47 -15.67
C ASN A 386 -9.74 -10.50 -16.44
N MET A 387 -9.97 -11.78 -16.15
CA MET A 387 -9.32 -12.87 -16.87
C MET A 387 -10.33 -13.98 -17.18
N THR A 388 -11.59 -13.60 -17.45
CA THR A 388 -12.66 -14.59 -17.49
C THR A 388 -12.59 -15.44 -18.76
N THR A 389 -12.35 -14.82 -19.91
CA THR A 389 -12.47 -15.56 -21.17
C THR A 389 -11.40 -16.64 -21.29
N LEU A 390 -10.16 -16.33 -20.91
CA LEU A 390 -9.09 -17.32 -21.01
C LEU A 390 -9.16 -18.36 -19.90
N LEU A 391 -9.69 -18.00 -18.73
CA LEU A 391 -9.71 -18.88 -17.58
C LEU A 391 -11.06 -19.52 -17.34
N ALA A 392 -12.01 -19.37 -18.26
CA ALA A 392 -13.32 -19.97 -18.10
C ALA A 392 -13.27 -21.47 -18.34
N ASN A 393 -14.20 -22.18 -17.69
CA ASN A 393 -14.30 -23.64 -17.79
C ASN A 393 -13.00 -24.32 -17.39
N ALA A 394 -12.33 -23.76 -16.38
CA ALA A 394 -11.15 -24.38 -15.80
C ALA A 394 -11.56 -25.35 -14.69
N SER A 395 -10.66 -26.27 -14.38
CA SER A 395 -10.90 -27.28 -13.37
C SER A 395 -9.95 -27.05 -12.19
N LEU A 396 -10.44 -27.35 -10.99
CA LEU A 396 -9.66 -27.20 -9.77
C LEU A 396 -9.21 -28.57 -9.29
N ASN A 397 -7.91 -28.75 -9.12
CA ASN A 397 -7.33 -29.96 -8.59
C ASN A 397 -6.66 -29.63 -7.27
N LEU A 398 -6.99 -30.39 -6.22
CA LEU A 398 -6.45 -30.12 -4.90
C LEU A 398 -5.20 -30.93 -4.60
N HIS A 399 -5.04 -32.09 -5.23
CA HIS A 399 -3.90 -33.00 -5.12
C HIS A 399 -3.79 -33.66 -3.74
N SER A 400 -4.66 -33.31 -2.79
CA SER A 400 -4.60 -33.87 -1.45
C SER A 400 -5.84 -34.67 -1.09
N LYS A 401 -7.02 -34.09 -1.27
CA LYS A 401 -8.29 -34.79 -1.01
C LYS A 401 -8.36 -35.37 0.40
N ARG A 415 -17.04 -34.56 -5.19
CA ARG A 415 -16.83 -34.81 -6.61
C ARG A 415 -16.92 -33.52 -7.41
N GLY A 416 -18.13 -33.00 -7.56
CA GLY A 416 -18.33 -31.81 -8.36
C GLY A 416 -17.76 -30.56 -7.71
N VAL A 417 -17.35 -29.62 -8.54
CA VAL A 417 -16.82 -28.34 -8.10
C VAL A 417 -17.46 -27.24 -8.93
N GLN A 418 -17.82 -26.13 -8.27
CA GLN A 418 -18.38 -24.96 -8.93
C GLN A 418 -17.42 -23.80 -8.65
N LEU A 419 -16.46 -23.60 -9.54
CA LEU A 419 -15.43 -22.60 -9.35
C LEU A 419 -15.97 -21.20 -9.59
N ARG A 420 -15.47 -20.25 -8.80
CA ARG A 420 -15.80 -18.85 -8.98
C ARG A 420 -14.66 -18.02 -8.41
N ARG A 421 -13.81 -17.50 -9.29
CA ARG A 421 -12.68 -16.69 -8.85
C ARG A 421 -13.19 -15.43 -8.16
N LEU A 422 -12.59 -15.11 -7.01
CA LEU A 422 -13.02 -13.96 -6.22
C LEU A 422 -12.07 -12.79 -6.27
N SER A 423 -10.82 -12.98 -6.70
CA SER A 423 -9.84 -11.91 -6.72
C SER A 423 -9.14 -11.91 -8.07
N ALA A 424 -8.31 -10.89 -8.29
CA ALA A 424 -7.56 -10.77 -9.52
C ALA A 424 -6.48 -11.84 -9.59
N VAL A 425 -6.00 -12.11 -10.80
CA VAL A 425 -4.95 -13.10 -10.98
C VAL A 425 -3.61 -12.45 -10.66
N ASN A 426 -3.19 -12.53 -9.40
CA ASN A 426 -1.97 -11.87 -8.95
C ASN A 426 -0.77 -12.76 -9.24
N SER A 427 0.05 -12.37 -10.21
CA SER A 427 1.22 -13.13 -10.61
C SER A 427 2.44 -12.56 -9.91
N ILE A 428 3.15 -13.40 -9.16
CA ILE A 428 4.26 -12.99 -8.33
C ILE A 428 5.55 -13.57 -8.91
N PHE A 429 6.60 -12.76 -8.94
CA PHE A 429 7.86 -13.22 -9.48
C PHE A 429 9.02 -12.51 -8.79
N LEU A 430 10.17 -13.17 -8.75
CA LEU A 430 11.41 -12.57 -8.28
C LEU A 430 12.49 -12.81 -9.33
N SER A 431 13.73 -12.49 -8.97
CA SER A 431 14.86 -12.63 -9.88
C SER A 431 15.20 -14.11 -10.14
N HIS A 432 15.32 -14.89 -9.07
CA HIS A 432 15.69 -16.30 -9.23
C HIS A 432 14.55 -17.10 -9.85
N ASN A 433 14.91 -18.00 -10.77
CA ASN A 433 13.89 -18.72 -11.53
C ASN A 433 13.25 -19.83 -10.72
N ASN A 434 14.03 -20.50 -9.85
CA ASN A 434 13.47 -21.59 -9.06
C ASN A 434 12.53 -21.02 -7.99
N THR A 435 11.24 -20.95 -8.31
CA THR A 435 10.26 -20.24 -7.50
C THR A 435 9.28 -21.19 -6.82
N LYS A 436 9.70 -22.43 -6.58
CA LYS A 436 8.83 -23.42 -5.96
C LYS A 436 9.39 -23.99 -4.66
N GLU A 437 10.57 -23.56 -4.24
CA GLU A 437 11.18 -24.02 -3.00
C GLU A 437 11.76 -22.85 -2.23
N LEU A 438 10.96 -21.80 -2.06
CA LEU A 438 11.40 -20.62 -1.32
C LEU A 438 11.73 -21.00 0.11
N ASN A 439 12.87 -20.49 0.61
CA ASN A 439 13.33 -20.87 1.94
C ASN A 439 12.38 -20.34 3.01
N SER A 440 12.05 -19.06 2.96
CA SER A 440 11.16 -18.48 3.96
C SER A 440 9.79 -18.24 3.35
N PRO A 441 8.72 -18.59 4.05
CA PRO A 441 7.38 -18.44 3.48
C PRO A 441 7.02 -16.98 3.25
N ILE A 442 6.20 -16.76 2.22
CA ILE A 442 5.71 -15.45 1.86
C ILE A 442 4.32 -15.25 2.43
N LEU A 443 4.00 -14.01 2.77
CA LEU A 443 2.68 -13.64 3.26
C LEU A 443 2.00 -12.76 2.22
N PHE A 444 0.79 -13.16 1.83
CA PHE A 444 0.02 -12.46 0.81
C PHE A 444 -1.26 -11.89 1.42
N ALA A 445 -1.72 -10.77 0.88
CA ALA A 445 -2.99 -10.18 1.29
C ALA A 445 -3.70 -9.70 0.02
N PHE A 446 -4.49 -10.57 -0.58
CA PHE A 446 -5.24 -10.21 -1.78
C PHE A 446 -6.61 -9.65 -1.39
N SER A 447 -7.19 -8.87 -2.30
CA SER A 447 -8.44 -8.20 -2.04
C SER A 447 -9.47 -8.53 -3.10
N HIS A 448 -10.59 -7.79 -3.12
CA HIS A 448 -11.67 -7.86 -4.09
C HIS A 448 -12.57 -9.07 -3.85
N LEU A 449 -12.22 -9.97 -2.92
CA LEU A 449 -13.03 -11.14 -2.69
C LEU A 449 -14.20 -10.84 -1.75
N GLU A 450 -14.91 -11.88 -1.36
CA GLU A 450 -16.16 -11.76 -0.59
C GLU A 450 -17.18 -10.94 -1.35
N GLN A 471 -18.73 -24.99 -0.34
CA GLN A 471 -18.65 -23.70 0.32
C GLN A 471 -17.32 -23.56 1.06
N GLU A 472 -16.33 -22.98 0.39
CA GLU A 472 -15.00 -22.81 0.96
C GLU A 472 -14.28 -21.72 0.20
N LEU A 473 -13.25 -21.15 0.83
CA LEU A 473 -12.38 -20.17 0.20
C LEU A 473 -10.96 -20.71 0.17
N LEU A 474 -10.35 -20.70 -1.02
CA LEU A 474 -9.04 -21.29 -1.23
C LEU A 474 -8.11 -20.27 -1.85
N CYS A 475 -6.82 -20.40 -1.55
CA CYS A 475 -5.76 -19.69 -2.26
C CYS A 475 -5.14 -20.67 -3.24
N ALA A 476 -5.48 -20.52 -4.52
CA ALA A 476 -5.00 -21.42 -5.55
C ALA A 476 -4.29 -20.63 -6.62
N PHE A 477 -3.48 -21.33 -7.41
CA PHE A 477 -2.72 -20.72 -8.49
C PHE A 477 -3.01 -21.43 -9.80
N TRP A 478 -2.45 -20.90 -10.88
CA TRP A 478 -2.60 -21.49 -12.21
C TRP A 478 -1.40 -22.39 -12.47
N LYS A 479 -1.63 -23.70 -12.46
CA LYS A 479 -0.58 -24.69 -12.68
C LYS A 479 -0.71 -25.24 -14.10
N SER A 480 0.41 -25.30 -14.80
CA SER A 480 0.43 -25.79 -16.17
C SER A 480 0.00 -27.26 -16.23
N ARG A 484 -5.04 -30.48 -20.83
CA ARG A 484 -5.84 -29.30 -20.52
C ARG A 484 -5.03 -28.02 -20.68
N GLY A 485 -3.74 -28.10 -20.39
CA GLY A 485 -2.86 -26.95 -20.51
C GLY A 485 -2.92 -25.97 -19.36
N GLY A 486 -3.69 -26.26 -18.32
CA GLY A 486 -3.78 -25.37 -17.18
C GLY A 486 -4.96 -25.70 -16.28
N HIS A 487 -4.75 -25.63 -14.98
CA HIS A 487 -5.82 -25.90 -14.03
C HIS A 487 -5.50 -25.23 -12.71
N TRP A 488 -6.54 -24.85 -11.99
CA TRP A 488 -6.36 -24.30 -10.66
C TRP A 488 -5.86 -25.38 -9.71
N ALA A 489 -4.80 -25.08 -8.96
CA ALA A 489 -4.24 -26.05 -8.05
C ALA A 489 -3.92 -25.36 -6.73
N THR A 490 -4.16 -26.07 -5.62
CA THR A 490 -3.82 -25.51 -4.31
C THR A 490 -2.35 -25.75 -3.98
N GLU A 491 -1.96 -27.01 -3.85
CA GLU A 491 -0.56 -27.44 -3.69
C GLU A 491 0.19 -26.61 -2.65
N GLY A 492 -0.26 -26.68 -1.41
CA GLY A 492 0.50 -26.10 -0.32
C GLY A 492 0.50 -24.58 -0.24
N CYS A 493 -0.66 -24.00 0.07
CA CYS A 493 -0.78 -22.57 0.33
C CYS A 493 -1.82 -22.40 1.44
N GLN A 494 -1.34 -22.23 2.67
CA GLN A 494 -2.23 -22.16 3.82
C GLN A 494 -3.02 -20.85 3.79
N VAL A 495 -4.35 -20.97 3.95
CA VAL A 495 -5.23 -19.81 4.02
C VAL A 495 -5.32 -19.43 5.49
N LEU A 496 -4.64 -18.35 5.87
CA LEU A 496 -4.67 -17.91 7.26
C LEU A 496 -6.07 -17.49 7.66
N GLY A 497 -6.77 -16.77 6.79
CA GLY A 497 -8.12 -16.35 7.07
C GLY A 497 -8.57 -15.26 6.13
N SER A 498 -9.87 -15.03 6.14
CA SER A 498 -10.51 -14.04 5.30
C SER A 498 -11.36 -13.11 6.15
N LYS A 499 -11.31 -11.81 5.82
CA LYS A 499 -12.06 -10.82 6.58
C LYS A 499 -12.10 -9.53 5.78
N ASN A 500 -13.27 -8.88 5.78
CA ASN A 500 -13.44 -7.55 5.19
C ASN A 500 -13.11 -7.55 3.69
N GLY A 501 -13.48 -8.63 3.00
CA GLY A 501 -13.18 -8.72 1.58
C GLY A 501 -11.71 -8.78 1.27
N SER A 502 -10.95 -9.55 2.05
CA SER A 502 -9.51 -9.72 1.82
C SER A 502 -9.05 -10.98 2.52
N THR A 503 -8.41 -11.87 1.78
CA THR A 503 -7.92 -13.14 2.28
C THR A 503 -6.41 -13.10 2.39
N THR A 504 -5.88 -13.52 3.54
CA THR A 504 -4.44 -13.59 3.77
C THR A 504 -3.99 -15.03 3.58
N CYS A 505 -3.12 -15.25 2.61
CA CYS A 505 -2.57 -16.57 2.31
C CYS A 505 -1.09 -16.60 2.61
N GLN A 506 -0.62 -17.68 3.21
CA GLN A 506 0.80 -17.94 3.39
C GLN A 506 1.20 -19.02 2.40
N CYS A 507 2.15 -18.69 1.52
CA CYS A 507 2.53 -19.57 0.43
C CYS A 507 4.03 -19.81 0.43
N SER A 508 4.42 -20.99 -0.03
CA SER A 508 5.81 -21.40 -0.09
C SER A 508 6.39 -21.34 -1.50
N HIS A 509 5.63 -20.84 -2.47
CA HIS A 509 6.10 -20.74 -3.85
C HIS A 509 5.53 -19.48 -4.47
N LEU A 510 5.86 -19.26 -5.73
CA LEU A 510 5.40 -18.08 -6.46
C LEU A 510 4.73 -18.52 -7.76
N ALA A 511 3.52 -18.04 -8.00
CA ALA A 511 2.76 -18.37 -9.20
C ALA A 511 1.70 -17.29 -9.38
N SER A 512 0.72 -17.56 -10.24
CA SER A 512 -0.39 -16.64 -10.47
C SER A 512 -1.53 -17.03 -9.53
N PHE A 513 -1.55 -16.41 -8.35
CA PHE A 513 -2.50 -16.74 -7.31
C PHE A 513 -3.83 -16.02 -7.52
N ALA A 514 -4.91 -16.67 -7.10
CA ALA A 514 -6.25 -16.09 -7.18
C ALA A 514 -7.16 -16.84 -6.23
N ILE A 515 -7.88 -16.10 -5.38
CA ILE A 515 -8.81 -16.74 -4.45
C ILE A 515 -10.00 -17.27 -5.21
N LEU A 516 -10.39 -18.51 -4.91
CA LEU A 516 -11.52 -19.16 -5.54
C LEU A 516 -12.49 -19.67 -4.47
N MET A 517 -13.76 -19.73 -4.83
CA MET A 517 -14.76 -20.37 -4.01
C MET A 517 -15.05 -21.75 -4.59
N ALA A 518 -15.08 -22.76 -3.73
CA ALA A 518 -15.10 -24.14 -4.19
C ALA A 518 -16.42 -24.83 -3.85
N HIS A 519 -17.53 -24.16 -4.10
CA HIS A 519 -18.85 -24.75 -3.88
C HIS A 519 -18.93 -26.13 -4.50
N TYR A 520 -19.09 -27.14 -3.65
CA TYR A 520 -19.16 -28.52 -4.11
C TYR A 520 -20.55 -28.84 -4.64
N GLU B 4 -21.93 12.64 10.20
CA GLU B 4 -20.59 12.14 9.90
C GLU B 4 -19.65 12.37 11.07
N VAL B 5 -18.40 11.94 10.92
CA VAL B 5 -17.42 12.06 11.98
C VAL B 5 -16.82 13.46 11.94
N GLN B 6 -16.96 14.19 13.05
CA GLN B 6 -16.44 15.54 13.17
C GLN B 6 -15.74 15.70 14.51
N LEU B 7 -14.63 16.43 14.50
CA LEU B 7 -13.94 16.83 15.72
C LEU B 7 -13.76 18.34 15.67
N VAL B 8 -14.26 19.04 16.68
CA VAL B 8 -14.21 20.50 16.74
C VAL B 8 -13.46 20.91 18.00
N GLU B 9 -12.36 21.63 17.82
CA GLU B 9 -11.55 22.04 18.98
C GLU B 9 -12.10 23.36 19.52
N SER B 10 -11.50 23.87 20.59
CA SER B 10 -12.02 25.11 21.23
C SER B 10 -11.13 25.50 22.40
N GLY B 11 -11.34 26.67 22.99
CA GLY B 11 -10.60 27.02 24.18
C GLY B 11 -9.24 27.67 23.94
N GLY B 12 -8.75 27.66 22.71
CA GLY B 12 -7.47 28.30 22.44
C GLY B 12 -7.60 29.81 22.30
N GLY B 13 -6.46 30.48 22.46
CA GLY B 13 -6.44 31.92 22.35
C GLY B 13 -5.15 32.47 22.96
N LEU B 14 -5.19 33.77 23.25
CA LEU B 14 -4.04 34.45 23.83
C LEU B 14 -3.88 34.05 25.29
N VAL B 15 -2.62 33.98 25.73
CA VAL B 15 -2.30 33.63 27.11
C VAL B 15 -0.91 34.17 27.40
N GLN B 16 -0.67 34.50 28.66
CA GLN B 16 0.62 34.98 29.12
C GLN B 16 1.48 33.81 29.58
N PRO B 17 2.81 33.91 29.45
CA PRO B 17 3.67 32.83 29.97
C PRO B 17 3.44 32.61 31.45
N GLY B 18 3.44 31.35 31.86
CA GLY B 18 3.14 30.99 33.23
C GLY B 18 1.67 30.93 33.55
N GLY B 19 0.79 31.17 32.58
CA GLY B 19 -0.64 31.08 32.78
C GLY B 19 -1.18 29.69 32.50
N SER B 20 -2.50 29.61 32.45
CA SER B 20 -3.19 28.35 32.22
C SER B 20 -4.23 28.52 31.13
N LEU B 21 -4.45 27.45 30.37
CA LEU B 21 -5.40 27.46 29.27
C LEU B 21 -5.88 26.03 29.07
N ARG B 22 -7.19 25.85 28.94
CA ARG B 22 -7.78 24.53 28.78
C ARG B 22 -8.36 24.40 27.38
N LEU B 23 -7.96 23.37 26.66
CA LEU B 23 -8.45 23.10 25.32
C LEU B 23 -9.52 22.01 25.38
N SER B 24 -10.51 22.13 24.50
CA SER B 24 -11.59 21.15 24.44
C SER B 24 -11.78 20.69 23.00
N CYS B 25 -12.01 19.40 22.83
CA CYS B 25 -12.18 18.78 21.51
C CYS B 25 -13.45 17.96 21.53
N ALA B 26 -14.54 18.51 21.01
CA ALA B 26 -15.82 17.81 20.98
C ALA B 26 -15.84 16.83 19.83
N ALA B 27 -16.26 15.59 20.11
CA ALA B 27 -16.30 14.52 19.13
C ALA B 27 -17.73 14.15 18.83
N SER B 28 -18.10 14.16 17.55
CA SER B 28 -19.45 13.82 17.11
C SER B 28 -19.36 12.81 15.98
N GLY B 29 -20.43 12.03 15.81
CA GLY B 29 -20.48 10.99 14.81
C GLY B 29 -19.92 9.67 15.26
N PHE B 30 -19.34 9.58 16.45
CA PHE B 30 -18.80 8.34 16.97
C PHE B 30 -18.71 8.46 18.49
N THR B 31 -18.41 7.33 19.13
CA THR B 31 -18.19 7.28 20.56
C THR B 31 -16.70 7.19 20.83
N ILE B 32 -16.18 8.13 21.64
CA ILE B 32 -14.76 8.14 21.93
C ILE B 32 -14.31 6.94 22.72
N SER B 33 -15.24 6.18 23.29
CA SER B 33 -14.91 5.04 24.15
C SER B 33 -14.29 3.88 23.38
N SER B 34 -14.08 4.01 22.07
CA SER B 34 -13.49 2.93 21.29
C SER B 34 -12.29 3.38 20.48
N TYR B 35 -11.85 4.63 20.63
CA TYR B 35 -10.63 5.10 19.97
C TYR B 35 -9.83 5.94 20.96
N SER B 36 -8.62 6.28 20.56
CA SER B 36 -7.74 7.15 21.34
C SER B 36 -7.76 8.55 20.76
N ILE B 37 -7.75 9.55 21.63
CA ILE B 37 -7.81 10.93 21.18
C ILE B 37 -6.45 11.59 21.37
N HIS B 38 -5.63 11.58 20.33
CA HIS B 38 -4.32 12.21 20.38
C HIS B 38 -4.44 13.72 20.25
N TRP B 39 -3.49 14.43 20.84
CA TRP B 39 -3.37 15.88 20.68
C TRP B 39 -2.05 16.15 19.98
N VAL B 40 -2.13 16.81 18.82
CA VAL B 40 -0.97 17.08 17.99
C VAL B 40 -0.88 18.58 17.75
N ARG B 41 0.29 19.16 18.01
CA ARG B 41 0.53 20.58 17.81
C ARG B 41 1.41 20.78 16.59
N GLN B 42 1.38 21.99 16.05
CA GLN B 42 2.21 22.36 14.91
C GLN B 42 2.65 23.80 15.07
N ALA B 43 3.92 24.01 15.42
CA ALA B 43 4.44 25.35 15.59
C ALA B 43 4.33 26.13 14.28
N PRO B 44 4.14 27.44 14.34
CA PRO B 44 3.92 28.21 13.10
C PRO B 44 5.08 28.09 12.12
N GLY B 45 4.82 27.48 10.97
CA GLY B 45 5.85 27.26 9.98
C GLY B 45 6.75 26.07 10.25
N LYS B 46 6.39 25.20 11.17
CA LYS B 46 7.18 24.02 11.53
C LYS B 46 6.36 22.76 11.28
N GLY B 47 6.93 21.61 11.67
CA GLY B 47 6.29 20.34 11.42
C GLY B 47 5.37 19.90 12.55
N LEU B 48 4.64 18.83 12.30
CA LEU B 48 3.71 18.28 13.29
C LEU B 48 4.47 17.70 14.46
N GLU B 49 3.93 17.84 15.66
CA GLU B 49 4.56 17.36 16.87
C GLU B 49 3.51 16.79 17.81
N TRP B 50 3.82 15.64 18.40
CA TRP B 50 2.93 15.02 19.37
C TRP B 50 2.95 15.77 20.69
N VAL B 51 1.82 15.75 21.40
CA VAL B 51 1.67 16.45 22.67
C VAL B 51 1.23 15.49 23.77
N ALA B 52 0.14 14.77 23.55
CA ALA B 52 -0.41 13.88 24.57
C ALA B 52 -1.29 12.85 23.88
N SER B 53 -1.82 11.92 24.67
CA SER B 53 -2.75 10.92 24.16
C SER B 53 -3.58 10.40 25.31
N ILE B 54 -4.73 9.83 24.99
CA ILE B 54 -5.66 9.30 25.98
C ILE B 54 -6.43 8.14 25.38
N SER B 55 -6.72 7.14 26.19
CA SER B 55 -7.60 6.04 25.82
C SER B 55 -8.68 5.95 26.88
N PRO B 56 -9.85 6.56 26.67
CA PRO B 56 -10.81 6.75 27.77
C PRO B 56 -11.27 5.45 28.42
N TYR B 57 -11.41 4.37 27.66
CA TYR B 57 -11.84 3.11 28.25
C TYR B 57 -10.75 2.52 29.14
N TYR B 58 -9.48 2.74 28.80
CA TYR B 58 -8.38 2.26 29.62
C TYR B 58 -7.77 3.32 30.51
N GLY B 59 -8.07 4.60 30.26
CA GLY B 59 -7.34 5.68 30.90
C GLY B 59 -6.07 5.98 30.13
N SER B 60 -5.05 5.14 30.32
CA SER B 60 -3.83 5.09 29.50
C SER B 60 -3.33 6.49 29.12
N THR B 61 -3.18 7.33 30.13
CA THR B 61 -2.61 8.65 29.91
C THR B 61 -1.17 8.54 29.41
N SER B 62 -0.84 9.34 28.40
CA SER B 62 0.52 9.35 27.87
C SER B 62 0.83 10.75 27.35
N TYR B 63 2.03 11.23 27.65
CA TYR B 63 2.43 12.59 27.34
C TYR B 63 3.80 12.60 26.67
N ALA B 64 4.16 13.77 26.15
CA ALA B 64 5.46 13.95 25.52
C ALA B 64 6.51 14.24 26.59
N ASP B 65 7.69 14.67 26.16
CA ASP B 65 8.79 14.94 27.08
C ASP B 65 8.74 16.35 27.65
N SER B 66 8.66 17.36 26.79
CA SER B 66 8.54 18.75 27.22
C SER B 66 7.13 19.09 27.69
N VAL B 67 6.30 18.08 27.88
CA VAL B 67 4.89 18.27 28.23
C VAL B 67 4.48 17.52 29.48
N LYS B 68 5.16 16.42 29.83
CA LYS B 68 4.70 15.54 30.90
C LYS B 68 4.53 16.27 32.23
N GLY B 69 5.29 17.35 32.44
CA GLY B 69 5.23 18.03 33.72
C GLY B 69 3.97 18.85 33.95
N ARG B 70 3.37 19.35 32.89
CA ARG B 70 2.32 20.34 33.15
C ARG B 70 0.97 20.02 32.52
N PHE B 71 0.95 19.53 31.29
CA PHE B 71 -0.32 19.33 30.60
C PHE B 71 -1.06 18.13 31.18
N THR B 72 -2.38 18.26 31.31
CA THR B 72 -3.22 17.17 31.78
C THR B 72 -4.33 16.96 30.76
N ILE B 73 -4.44 15.74 30.24
CA ILE B 73 -5.42 15.39 29.22
C ILE B 73 -6.52 14.56 29.85
N SER B 74 -7.77 14.95 29.62
CA SER B 74 -8.91 14.26 30.20
C SER B 74 -9.97 14.04 29.13
N ALA B 75 -10.77 12.99 29.32
CA ALA B 75 -11.84 12.66 28.41
C ALA B 75 -13.08 12.33 29.23
N ASP B 76 -14.18 13.03 28.96
CA ASP B 76 -15.45 12.81 29.65
C ASP B 76 -16.40 12.09 28.70
N THR B 77 -16.75 10.86 29.03
CA THR B 77 -17.65 10.09 28.19
C THR B 77 -19.08 10.62 28.23
N SER B 78 -19.46 11.31 29.31
CA SER B 78 -20.81 11.87 29.39
C SER B 78 -21.03 12.91 28.30
N LYS B 79 -20.07 13.80 28.11
CA LYS B 79 -20.17 14.80 27.06
C LYS B 79 -19.51 14.37 25.76
N ASN B 80 -18.82 13.22 25.75
CA ASN B 80 -18.16 12.69 24.56
C ASN B 80 -17.12 13.66 24.00
N THR B 81 -16.42 14.36 24.89
CA THR B 81 -15.36 15.28 24.50
C THR B 81 -14.09 14.95 25.28
N ALA B 82 -12.96 15.33 24.70
CA ALA B 82 -11.66 15.20 25.33
C ALA B 82 -11.07 16.60 25.53
N TYR B 83 -10.45 16.81 26.67
CA TYR B 83 -9.88 18.10 27.04
C TYR B 83 -8.35 18.03 27.03
N LEU B 84 -7.73 19.16 27.34
CA LEU B 84 -6.27 19.21 27.51
C LEU B 84 -5.98 20.43 28.38
N GLN B 85 -5.71 20.20 29.66
CA GLN B 85 -5.51 21.31 30.60
C GLN B 85 -4.03 21.65 30.62
N MET B 86 -3.70 22.57 29.71
CA MET B 86 -2.31 23.04 29.57
C MET B 86 -2.03 24.02 30.68
N ASN B 87 -0.85 23.97 31.27
CA ASN B 87 -0.54 24.91 32.38
C ASN B 87 0.89 25.41 32.27
N SER B 88 1.31 26.32 33.16
CA SER B 88 2.67 26.83 33.14
C SER B 88 3.18 26.98 31.71
N LEU B 89 2.39 27.67 30.89
CA LEU B 89 2.70 27.80 29.48
C LEU B 89 3.92 28.66 29.25
N ARG B 90 4.71 28.30 28.23
CA ARG B 90 5.89 29.03 27.84
C ARG B 90 5.75 29.50 26.40
N ALA B 91 6.68 30.36 25.98
CA ALA B 91 6.67 30.86 24.61
C ALA B 91 6.95 29.79 23.58
N GLU B 92 7.41 28.61 23.99
CA GLU B 92 7.63 27.50 23.09
C GLU B 92 6.34 26.76 22.76
N ASP B 93 5.25 27.05 23.45
CA ASP B 93 4.00 26.33 23.27
C ASP B 93 3.06 27.01 22.28
N THR B 94 3.48 28.11 21.67
CA THR B 94 2.67 28.74 20.63
C THR B 94 2.64 27.84 19.40
N ALA B 95 1.46 27.38 19.02
CA ALA B 95 1.30 26.46 17.92
C ALA B 95 -0.18 26.33 17.60
N VAL B 96 -0.50 25.44 16.68
CA VAL B 96 -1.88 25.07 16.35
C VAL B 96 -2.09 23.65 16.81
N TYR B 97 -3.00 23.45 17.75
CA TYR B 97 -3.21 22.16 18.39
C TYR B 97 -4.37 21.43 17.71
N TYR B 98 -4.09 20.27 17.14
CA TYR B 98 -5.11 19.42 16.55
C TYR B 98 -5.42 18.27 17.50
N CYS B 99 -6.67 17.83 17.49
CA CYS B 99 -7.08 16.60 18.14
C CYS B 99 -7.48 15.60 17.06
N ALA B 100 -6.84 14.44 17.08
CA ALA B 100 -7.08 13.40 16.10
C ALA B 100 -7.79 12.23 16.76
N ARG B 101 -8.05 11.19 15.96
CA ARG B 101 -8.73 9.99 16.42
C ARG B 101 -7.87 8.80 16.02
N SER B 102 -7.14 8.25 16.98
CA SER B 102 -6.26 7.12 16.70
C SER B 102 -7.11 5.88 16.43
N TRP B 103 -6.79 5.17 15.35
CA TRP B 103 -7.60 4.08 14.84
C TRP B 103 -6.78 2.79 14.87
N TYR B 104 -7.16 1.86 15.73
CA TYR B 104 -6.50 0.56 15.83
C TYR B 104 -7.02 -0.33 14.71
N TYR B 105 -6.30 -0.41 13.61
CA TYR B 105 -6.76 -1.14 12.44
C TYR B 105 -6.34 -2.61 12.47
N TYR B 106 -6.01 -3.13 13.64
CA TYR B 106 -5.67 -4.54 13.75
C TYR B 106 -6.84 -5.44 13.36
N GLU B 107 -8.05 -5.06 13.77
CA GLU B 107 -9.23 -5.87 13.51
C GLU B 107 -9.60 -5.92 12.04
N GLN B 108 -8.98 -5.08 11.20
CA GLN B 108 -9.20 -5.18 9.76
C GLN B 108 -8.67 -6.49 9.22
N ASN B 109 -7.38 -6.73 9.41
CA ASN B 109 -6.73 -7.97 8.98
C ASN B 109 -5.90 -8.50 10.15
N PRO B 110 -6.53 -9.23 11.08
CA PRO B 110 -5.78 -9.71 12.25
C PRO B 110 -4.65 -10.68 11.90
N TYR B 111 -4.64 -11.25 10.71
CA TYR B 111 -3.57 -12.13 10.26
C TYR B 111 -2.46 -11.37 9.54
N TRP B 112 -2.60 -10.06 9.38
CA TRP B 112 -1.66 -9.23 8.64
C TRP B 112 -1.10 -8.09 9.47
N TYR B 113 -1.90 -7.49 10.34
CA TYR B 113 -1.48 -6.38 11.18
C TYR B 113 -1.08 -6.86 12.57
N GLN B 114 -0.41 -5.98 13.30
CA GLN B 114 -0.04 -6.22 14.68
C GLN B 114 -1.09 -5.63 15.62
N LYS B 115 -1.05 -6.05 16.88
CA LYS B 115 -2.12 -5.72 17.82
C LYS B 115 -2.20 -4.22 18.08
N GLU B 116 -1.05 -3.56 18.24
CA GLU B 116 -1.01 -2.19 18.72
C GLU B 116 -0.79 -1.17 17.62
N GLU B 117 -0.94 -1.56 16.36
CA GLU B 117 -0.82 -0.60 15.27
C GLU B 117 -1.99 0.37 15.29
N GLN B 118 -1.71 1.64 15.04
CA GLN B 118 -2.75 2.66 15.02
C GLN B 118 -2.35 3.78 14.08
N ALA B 119 -3.35 4.54 13.62
CA ALA B 119 -3.12 5.69 12.77
C ALA B 119 -4.22 6.71 13.04
N LEU B 120 -3.92 8.00 12.89
CA LEU B 120 -4.89 9.08 13.18
C LEU B 120 -5.71 9.30 11.92
N ASP B 121 -6.90 8.72 11.82
CA ASP B 121 -7.62 8.72 10.52
C ASP B 121 -8.48 9.96 10.32
N TYR B 122 -9.12 10.41 11.38
CA TYR B 122 -9.91 11.63 11.34
C TYR B 122 -9.26 12.67 12.25
N TRP B 123 -8.78 13.76 11.66
CA TRP B 123 -8.17 14.85 12.39
C TRP B 123 -9.21 15.91 12.73
N GLY B 124 -8.82 16.82 13.61
CA GLY B 124 -9.66 17.95 13.94
C GLY B 124 -9.43 19.08 12.96
N GLN B 125 -9.67 20.32 13.40
CA GLN B 125 -9.41 21.48 12.57
C GLN B 125 -8.29 22.37 13.12
N GLY B 126 -7.97 22.29 14.40
CA GLY B 126 -6.83 22.99 14.93
C GLY B 126 -7.14 24.33 15.56
N THR B 127 -6.98 24.44 16.87
CA THR B 127 -7.17 25.69 17.58
C THR B 127 -5.81 26.30 17.90
N LEU B 128 -5.73 27.62 17.75
CA LEU B 128 -4.45 28.32 17.86
C LEU B 128 -4.25 28.84 19.27
N VAL B 129 -3.09 28.55 19.83
CA VAL B 129 -2.72 29.01 21.17
C VAL B 129 -1.56 29.97 21.01
N THR B 130 -1.74 31.20 21.49
CA THR B 130 -0.71 32.22 21.44
C THR B 130 -0.25 32.55 22.86
N VAL B 131 1.05 32.45 23.09
CA VAL B 131 1.65 32.75 24.38
C VAL B 131 2.44 34.04 24.20
N PHE B 132 1.87 35.15 24.68
CA PHE B 132 2.45 36.47 24.47
C PHE B 132 2.97 37.03 25.79
N ASN B 133 4.22 37.47 25.80
CA ASN B 133 4.77 38.16 26.96
C ASN B 133 4.51 39.65 26.94
N GLN B 134 4.13 40.19 25.78
CA GLN B 134 3.75 41.59 25.65
C GLN B 134 2.77 41.71 24.49
N ILE B 135 1.99 42.77 24.51
CA ILE B 135 1.01 43.00 23.46
C ILE B 135 1.11 44.43 22.95
N ASP C 1 13.99 7.67 21.80
CA ASP C 1 12.97 7.87 20.78
C ASP C 1 13.51 7.57 19.39
N ILE C 2 12.62 7.25 18.46
CA ILE C 2 12.99 6.91 17.09
C ILE C 2 12.96 8.19 16.27
N GLN C 3 14.10 8.55 15.68
CA GLN C 3 14.23 9.75 14.87
C GLN C 3 13.87 9.38 13.44
N MET C 4 12.72 9.87 12.97
CA MET C 4 12.27 9.63 11.61
C MET C 4 12.92 10.65 10.68
N THR C 5 13.89 10.22 9.90
CA THR C 5 14.57 11.09 8.94
C THR C 5 13.90 10.98 7.58
N GLN C 6 13.71 12.12 6.93
CA GLN C 6 12.97 12.19 5.68
C GLN C 6 13.80 12.90 4.62
N SER C 7 13.60 12.49 3.37
CA SER C 7 14.28 13.07 2.22
C SER C 7 13.29 13.26 1.09
N PRO C 8 13.49 14.25 0.22
CA PRO C 8 14.54 15.28 0.23
C PRO C 8 14.19 16.54 1.01
N SER C 9 13.02 16.57 1.66
CA SER C 9 12.51 17.70 2.44
C SER C 9 12.03 18.84 1.57
N SER C 10 12.26 18.74 0.25
CA SER C 10 11.73 19.70 -0.70
C SER C 10 11.85 19.13 -2.11
N LEU C 11 10.73 19.00 -2.80
CA LEU C 11 10.70 18.36 -4.11
C LEU C 11 9.97 19.25 -5.09
N SER C 12 10.53 19.38 -6.29
CA SER C 12 9.90 20.15 -7.37
C SER C 12 9.59 19.18 -8.50
N ALA C 13 8.30 18.96 -8.74
CA ALA C 13 7.89 18.00 -9.77
C ALA C 13 6.90 18.64 -10.74
N SER C 14 6.33 17.83 -11.63
CA SER C 14 5.36 18.30 -12.61
C SER C 14 4.24 17.28 -12.69
N VAL C 15 3.25 17.57 -13.53
CA VAL C 15 2.09 16.70 -13.65
C VAL C 15 2.47 15.46 -14.44
N GLY C 16 2.20 14.29 -13.88
CA GLY C 16 2.51 13.02 -14.49
C GLY C 16 3.80 12.39 -14.01
N ASP C 17 4.69 13.16 -13.41
CA ASP C 17 5.96 12.63 -12.94
C ASP C 17 5.77 11.74 -11.72
N ARG C 18 6.51 10.65 -11.67
CA ARG C 18 6.53 9.79 -10.49
C ARG C 18 7.34 10.46 -9.40
N VAL C 19 6.79 10.51 -8.19
CA VAL C 19 7.41 11.17 -7.04
C VAL C 19 7.56 10.15 -5.93
N THR C 20 8.77 10.04 -5.38
CA THR C 20 9.07 9.11 -4.29
C THR C 20 9.67 9.89 -3.13
N ILE C 21 9.14 9.65 -1.93
CA ILE C 21 9.61 10.29 -0.70
C ILE C 21 10.04 9.18 0.26
N THR C 22 11.23 9.33 0.83
CA THR C 22 11.82 8.31 1.70
C THR C 22 11.75 8.78 3.15
N CYS C 23 11.51 7.83 4.06
CA CYS C 23 11.37 8.11 5.49
C CYS C 23 12.15 7.10 6.31
N ARG C 24 13.44 6.93 6.00
CA ARG C 24 14.28 6.01 6.77
C ARG C 24 14.22 6.34 8.26
N ALA C 25 14.04 5.29 9.07
CA ALA C 25 13.81 5.43 10.49
C ALA C 25 14.96 4.82 11.30
N SER C 26 15.22 5.41 12.45
CA SER C 26 16.17 4.84 13.40
C SER C 26 15.54 3.64 14.10
N GLN C 27 16.38 2.90 14.83
CA GLN C 27 15.95 1.67 15.48
C GLN C 27 15.31 0.74 14.47
N SER C 28 14.15 0.17 14.78
CA SER C 28 13.47 -0.72 13.85
C SER C 28 11.98 -0.73 14.17
N VAL C 29 11.21 0.03 13.41
CA VAL C 29 9.76 -0.07 13.42
C VAL C 29 9.37 -1.03 12.31
N SER C 30 8.67 -2.10 12.65
CA SER C 30 8.50 -3.20 11.72
C SER C 30 7.78 -2.77 10.46
N SER C 31 6.50 -2.44 10.55
CA SER C 31 5.79 -1.94 9.39
C SER C 31 4.84 -0.80 9.71
N ALA C 32 4.64 -0.45 10.97
CA ALA C 32 3.66 0.58 11.35
C ALA C 32 4.25 1.96 11.12
N VAL C 33 4.17 2.41 9.88
CA VAL C 33 4.51 3.78 9.51
C VAL C 33 3.40 4.31 8.61
N ALA C 34 2.80 5.42 9.00
CA ALA C 34 1.69 6.02 8.29
C ALA C 34 2.11 7.32 7.62
N TRP C 35 1.45 7.67 6.53
CA TRP C 35 1.76 8.84 5.74
C TRP C 35 0.58 9.80 5.74
N TYR C 36 0.85 11.08 5.99
CA TYR C 36 -0.16 12.11 6.01
C TYR C 36 0.20 13.19 5.00
N GLN C 37 -0.81 13.90 4.53
CA GLN C 37 -0.64 15.02 3.61
C GLN C 37 -1.30 16.25 4.20
N GLN C 38 -0.58 17.37 4.21
CA GLN C 38 -1.10 18.61 4.79
C GLN C 38 -0.95 19.74 3.79
N LYS C 39 -2.06 20.17 3.21
CA LYS C 39 -2.06 21.39 2.43
C LYS C 39 -1.99 22.60 3.36
N PRO C 40 -1.39 23.71 2.91
CA PRO C 40 -1.19 24.84 3.83
C PRO C 40 -2.51 25.36 4.39
N GLY C 41 -2.53 25.60 5.69
CA GLY C 41 -3.71 26.10 6.36
C GLY C 41 -4.77 25.06 6.65
N LYS C 42 -4.49 23.78 6.43
CA LYS C 42 -5.48 22.73 6.59
C LYS C 42 -4.92 21.61 7.45
N ALA C 43 -5.82 20.86 8.06
CA ALA C 43 -5.42 19.73 8.89
C ALA C 43 -4.94 18.58 8.02
N PRO C 44 -4.00 17.77 8.52
CA PRO C 44 -3.49 16.65 7.72
C PRO C 44 -4.54 15.58 7.50
N LYS C 45 -4.36 14.83 6.43
CA LYS C 45 -5.26 13.72 6.09
C LYS C 45 -4.44 12.45 5.91
N LEU C 46 -4.90 11.38 6.55
CA LEU C 46 -4.20 10.11 6.47
C LEU C 46 -4.29 9.55 5.06
N LEU C 47 -3.15 9.10 4.52
CA LEU C 47 -3.09 8.54 3.19
C LEU C 47 -2.83 7.04 3.21
N ILE C 48 -1.74 6.62 3.86
CA ILE C 48 -1.31 5.23 3.86
C ILE C 48 -0.99 4.85 5.30
N TYR C 49 -1.51 3.70 5.74
CA TYR C 49 -1.18 3.16 7.05
C TYR C 49 -0.57 1.77 6.89
N SER C 50 0.22 1.38 7.88
CA SER C 50 0.99 0.13 7.86
C SER C 50 1.95 0.07 6.69
N ALA C 51 2.31 1.24 6.14
CA ALA C 51 3.35 1.43 5.14
C ALA C 51 2.96 0.93 3.75
N SER C 52 1.84 0.20 3.65
CA SER C 52 1.38 -0.25 2.33
C SER C 52 -0.12 -0.16 2.12
N SER C 53 -0.93 0.03 3.15
CA SER C 53 -2.38 -0.01 3.02
C SER C 53 -2.92 1.37 2.73
N LEU C 54 -3.71 1.49 1.68
CA LEU C 54 -4.33 2.77 1.32
C LEU C 54 -5.56 2.99 2.18
N TYR C 55 -5.68 4.18 2.75
CA TYR C 55 -6.88 4.54 3.49
C TYR C 55 -8.05 4.71 2.54
N SER C 56 -9.26 4.63 3.09
CA SER C 56 -10.47 4.70 2.28
C SER C 56 -10.62 6.10 1.67
N GLY C 57 -10.87 6.15 0.37
CA GLY C 57 -11.07 7.39 -0.33
C GLY C 57 -9.83 7.98 -0.97
N VAL C 58 -8.65 7.55 -0.55
CA VAL C 58 -7.41 8.06 -1.14
C VAL C 58 -7.30 7.55 -2.57
N PRO C 59 -6.82 8.35 -3.53
CA PRO C 59 -6.64 7.85 -4.89
C PRO C 59 -5.63 6.70 -4.93
N SER C 60 -5.83 5.81 -5.90
CA SER C 60 -4.98 4.64 -6.03
C SER C 60 -3.58 4.95 -6.51
N ARG C 61 -3.30 6.21 -6.90
CA ARG C 61 -1.97 6.57 -7.36
C ARG C 61 -0.95 6.63 -6.24
N PHE C 62 -1.37 6.59 -4.99
CA PHE C 62 -0.45 6.58 -3.85
C PHE C 62 -0.10 5.14 -3.50
N SER C 63 1.19 4.88 -3.30
CA SER C 63 1.64 3.56 -2.90
C SER C 63 2.77 3.71 -1.88
N GLY C 64 2.95 2.67 -1.08
CA GLY C 64 3.99 2.67 -0.08
C GLY C 64 4.67 1.32 -0.01
N SER C 65 5.87 1.32 0.58
CA SER C 65 6.64 0.10 0.72
C SER C 65 7.62 0.25 1.87
N ARG C 66 8.11 -0.88 2.36
CA ARG C 66 9.09 -0.95 3.43
C ARG C 66 10.23 -1.85 3.01
N SER C 67 11.45 -1.45 3.33
CA SER C 67 12.65 -2.18 2.96
C SER C 67 13.61 -2.30 4.14
N GLY C 68 13.08 -2.73 5.28
CA GLY C 68 13.87 -2.77 6.50
C GLY C 68 13.44 -1.68 7.45
N THR C 69 14.23 -0.60 7.54
CA THR C 69 13.83 0.61 8.23
C THR C 69 13.55 1.75 7.26
N ASP C 70 13.60 1.49 5.96
CA ASP C 70 13.37 2.51 4.94
C ASP C 70 11.94 2.38 4.43
N PHE C 71 11.16 3.44 4.60
CA PHE C 71 9.78 3.49 4.14
C PHE C 71 9.65 4.55 3.07
N THR C 72 9.07 4.18 1.93
CA THR C 72 8.92 5.09 0.80
C THR C 72 7.46 5.26 0.44
N LEU C 73 7.09 6.49 0.08
CA LEU C 73 5.77 6.79 -0.47
C LEU C 73 5.97 7.24 -1.92
N THR C 74 5.30 6.54 -2.84
CA THR C 74 5.43 6.82 -4.26
C THR C 74 4.08 7.19 -4.85
N ILE C 75 4.09 8.17 -5.75
CA ILE C 75 2.90 8.63 -6.46
C ILE C 75 3.07 8.26 -7.93
N SER C 76 2.17 7.42 -8.43
CA SER C 76 2.34 6.87 -9.77
C SER C 76 2.29 7.96 -10.83
N SER C 77 1.38 8.93 -10.68
CA SER C 77 1.27 10.03 -11.63
C SER C 77 0.79 11.25 -10.87
N LEU C 78 1.65 12.27 -10.76
CA LEU C 78 1.30 13.45 -9.99
C LEU C 78 0.18 14.22 -10.67
N GLN C 79 -0.66 14.85 -9.85
CA GLN C 79 -1.82 15.60 -10.30
C GLN C 79 -1.83 16.95 -9.61
N PRO C 80 -2.52 17.94 -10.20
CA PRO C 80 -2.41 19.32 -9.66
C PRO C 80 -2.85 19.47 -8.22
N GLU C 81 -3.63 18.54 -7.68
CA GLU C 81 -4.06 18.62 -6.28
C GLU C 81 -3.19 17.80 -5.34
N ASP C 82 -2.05 17.30 -5.82
CA ASP C 82 -1.17 16.48 -5.01
C ASP C 82 0.01 17.24 -4.46
N PHE C 83 0.06 18.56 -4.67
CA PHE C 83 1.19 19.38 -4.23
C PHE C 83 0.92 19.88 -2.81
N ALA C 84 1.57 19.25 -1.84
CA ALA C 84 1.40 19.57 -0.43
C ALA C 84 2.58 18.99 0.33
N THR C 85 2.50 19.03 1.65
CA THR C 85 3.57 18.55 2.53
C THR C 85 3.19 17.20 3.11
N TYR C 86 4.14 16.27 3.10
CA TYR C 86 3.90 14.88 3.50
C TYR C 86 4.73 14.53 4.71
N TYR C 87 4.10 13.90 5.70
CA TYR C 87 4.75 13.49 6.93
C TYR C 87 4.60 11.99 7.12
N CYS C 88 5.57 11.38 7.80
CA CYS C 88 5.52 9.98 8.18
C CYS C 88 5.53 9.88 9.70
N GLN C 89 4.76 8.93 10.23
CA GLN C 89 4.56 8.81 11.66
C GLN C 89 4.73 7.36 12.09
N GLN C 90 5.26 7.17 13.29
CA GLN C 90 5.31 5.87 13.94
C GLN C 90 4.59 5.95 15.27
N SER C 91 3.88 4.89 15.64
CA SER C 91 3.18 4.84 16.91
C SER C 91 3.57 3.61 17.72
N VAL C 92 4.56 2.83 17.28
CA VAL C 92 4.92 1.60 17.96
C VAL C 92 5.51 1.90 19.33
N TYR C 93 6.46 2.82 19.39
CA TYR C 93 7.17 3.14 20.62
C TYR C 93 6.90 4.58 21.02
N SER C 94 6.48 4.77 22.26
CA SER C 94 6.26 6.13 22.75
C SER C 94 7.61 6.82 22.98
N PRO C 95 7.72 8.11 22.64
CA PRO C 95 6.69 8.99 22.07
C PRO C 95 6.48 8.73 20.58
N VAL C 96 5.31 9.03 20.03
CA VAL C 96 5.15 8.91 18.58
C VAL C 96 5.89 10.05 17.92
N THR C 97 6.56 9.75 16.80
CA THR C 97 7.43 10.69 16.14
C THR C 97 6.97 10.90 14.70
N PHE C 98 6.96 12.15 14.27
CA PHE C 98 6.63 12.52 12.90
C PHE C 98 7.89 12.79 12.10
N GLY C 99 7.76 12.69 10.79
CA GLY C 99 8.85 13.08 9.91
C GLY C 99 9.01 14.59 9.85
N GLN C 100 10.19 15.02 9.40
CA GLN C 100 10.46 16.44 9.26
C GLN C 100 9.56 17.09 8.22
N GLY C 101 9.07 16.31 7.26
CA GLY C 101 8.15 16.83 6.26
C GLY C 101 8.79 17.07 4.92
N THR C 102 8.20 16.55 3.86
CA THR C 102 8.65 16.77 2.49
C THR C 102 7.58 17.56 1.75
N LYS C 103 7.97 18.70 1.19
CA LYS C 103 7.05 19.57 0.46
C LYS C 103 7.26 19.38 -1.04
N VAL C 104 6.15 19.20 -1.75
CA VAL C 104 6.18 19.01 -3.20
C VAL C 104 5.66 20.29 -3.85
N GLU C 105 6.45 20.85 -4.77
CA GLU C 105 6.11 22.09 -5.45
C GLU C 105 6.08 21.87 -6.95
N ILE C 106 5.25 22.66 -7.65
CA ILE C 106 5.15 22.54 -9.09
C ILE C 106 6.44 23.02 -9.74
N LYS C 107 6.70 22.51 -10.94
CA LYS C 107 7.88 22.91 -11.69
C LYS C 107 7.63 24.18 -12.48
#